data_5NEN
#
_entry.id   5NEN
#
_cell.length_a   126.314
_cell.length_b   126.314
_cell.length_c   71.405
_cell.angle_alpha   90.000
_cell.angle_beta   90.000
_cell.angle_gamma   120.000
#
_symmetry.space_group_name_H-M   'P 32'
#
_entity_poly.entity_id   1
_entity_poly.type   'polypeptide(L)'
_entity_poly.pdbx_seq_one_letter_code
;MSTHIGEPQDSYTEEIPQDERRFTRLDKGVASPGSVTVSGNRKTVQAPASGIIKNIAVRDGDKVKAGEVLVQLSQVQAQA
QVDSLRDQYYTTLATEGRLLAERDGLSIVTFSPILDAVKDKPRVAEIIALQTQLFASRRQALQSEIDGYKQSMDGIRFQL
KGLQDSRGNKQIQLSSLREQMNSMKQLAADGYLPRNRYLEVQRQFAEVNSSIDETVGRIGQLQKQLLESQQRIDQRFADY
QREVRTQLAQTQMDASEFRNKLQMADFDLGNTAITSPVDGTVVGLNIFTQGGVVGAGDHLMDVVPSQATLVVDSRLKVDL
FDKVYNGLPVDLMFTAFNQNKTPKIPGTVTLVSADRLVDKANGEPYYQMQVTVSPEGMKMLSGEDIKPGMPVEVFVKTGS
RSLLSYLFKPILDRAHTSLTEELEIKRASQPELAPEDPEDVEHHHHHH
;
_entity_poly.pdbx_strand_id   A,B
#
# COMPACT_ATOMS: atom_id res chain seq x y z
N ASN A 41 -17.06 -58.61 23.00
CA ASN A 41 -18.35 -58.64 23.71
C ASN A 41 -18.72 -57.26 24.24
N ARG A 42 -18.90 -57.15 25.55
CA ARG A 42 -19.26 -55.86 26.13
C ARG A 42 -18.12 -54.87 26.02
N LYS A 43 -18.48 -53.60 25.84
CA LYS A 43 -17.49 -52.53 25.74
C LYS A 43 -17.84 -51.44 26.74
N THR A 44 -16.82 -50.79 27.30
CA THR A 44 -17.02 -49.77 28.34
C THR A 44 -16.53 -48.41 27.87
N VAL A 45 -17.34 -47.37 28.13
CA VAL A 45 -17.07 -45.98 27.69
C VAL A 45 -16.17 -45.20 28.66
N GLN A 46 -15.06 -44.70 28.13
CA GLN A 46 -14.07 -44.00 28.93
C GLN A 46 -14.25 -42.49 28.74
N ALA A 47 -13.27 -41.71 29.18
CA ALA A 47 -13.39 -40.25 29.15
C ALA A 47 -12.48 -39.63 28.10
N PRO A 48 -13.09 -38.91 27.14
CA PRO A 48 -12.43 -38.34 25.96
C PRO A 48 -11.47 -37.21 26.29
N ALA A 49 -12.00 -36.08 26.76
CA ALA A 49 -11.17 -34.99 27.21
C ALA A 49 -10.97 -35.12 28.70
N SER A 50 -10.53 -34.05 29.35
CA SER A 50 -10.25 -34.11 30.76
C SER A 50 -10.58 -32.79 31.44
N GLY A 51 -11.84 -32.63 31.81
CA GLY A 51 -12.34 -31.40 32.41
C GLY A 51 -13.48 -31.64 33.36
N ILE A 52 -14.36 -30.66 33.51
CA ILE A 52 -15.42 -30.69 34.51
C ILE A 52 -16.82 -31.04 33.97
N ILE A 53 -17.31 -32.23 34.33
CA ILE A 53 -18.64 -32.67 33.94
C ILE A 53 -19.71 -31.79 34.60
N LYS A 54 -20.47 -31.07 33.77
CA LYS A 54 -21.50 -30.14 34.23
C LYS A 54 -22.81 -30.86 34.58
N ASN A 55 -23.12 -31.96 33.88
CA ASN A 55 -24.30 -32.78 34.18
C ASN A 55 -24.28 -34.16 33.50
N ILE A 56 -25.04 -35.10 34.07
CA ILE A 56 -25.21 -36.44 33.51
C ILE A 56 -26.67 -36.64 33.12
N ALA A 57 -26.92 -37.37 32.04
CA ALA A 57 -28.29 -37.57 31.58
C ALA A 57 -28.77 -39.00 31.83
N VAL A 58 -27.94 -39.81 32.50
CA VAL A 58 -28.22 -41.23 32.66
C VAL A 58 -27.94 -41.74 34.10
N ARG A 59 -28.58 -42.85 34.45
CA ARG A 59 -28.39 -43.54 35.73
C ARG A 59 -28.73 -45.01 35.50
N ASP A 60 -28.29 -45.88 36.40
CA ASP A 60 -28.53 -47.33 36.25
C ASP A 60 -29.97 -47.68 35.90
N GLY A 61 -30.15 -48.82 35.23
CA GLY A 61 -31.45 -49.34 34.86
C GLY A 61 -32.15 -48.55 33.76
N ASP A 62 -31.37 -47.99 32.85
CA ASP A 62 -31.89 -47.07 31.84
C ASP A 62 -31.25 -47.38 30.48
N LYS A 63 -32.04 -47.90 29.53
CA LYS A 63 -31.53 -48.38 28.25
C LYS A 63 -30.92 -47.28 27.38
N VAL A 64 -30.30 -47.67 26.27
CA VAL A 64 -29.65 -46.74 25.35
C VAL A 64 -30.37 -46.64 23.99
N LYS A 65 -30.26 -45.47 23.37
CA LYS A 65 -30.50 -45.30 21.94
C LYS A 65 -29.13 -45.07 21.34
N ALA A 66 -28.84 -45.70 20.22
CA ALA A 66 -27.51 -45.62 19.62
C ALA A 66 -27.10 -44.19 19.28
N GLY A 67 -26.38 -43.54 20.19
CA GLY A 67 -25.93 -42.18 19.99
C GLY A 67 -26.66 -41.15 20.85
N GLU A 68 -27.15 -41.55 22.01
CA GLU A 68 -27.80 -40.64 22.94
C GLU A 68 -26.75 -39.94 23.81
N VAL A 69 -27.12 -38.81 24.42
CA VAL A 69 -26.21 -38.08 25.28
C VAL A 69 -26.27 -38.60 26.71
N LEU A 70 -25.11 -39.02 27.22
CA LEU A 70 -25.02 -39.60 28.55
C LEU A 70 -24.41 -38.62 29.56
N VAL A 71 -23.60 -37.69 29.05
CA VAL A 71 -22.87 -36.73 29.87
C VAL A 71 -22.73 -35.43 29.10
N GLN A 72 -22.57 -34.30 29.79
CA GLN A 72 -22.09 -33.06 29.16
C GLN A 72 -20.84 -32.56 29.89
N LEU A 73 -20.24 -31.48 29.40
CA LEU A 73 -19.21 -30.76 30.15
C LEU A 73 -19.46 -29.27 29.94
N SER A 74 -18.85 -28.43 30.77
CA SER A 74 -19.08 -26.99 30.77
C SER A 74 -18.93 -26.35 29.40
N GLN A 75 -17.90 -26.81 28.69
CA GLN A 75 -17.49 -26.33 27.37
C GLN A 75 -16.99 -24.90 27.34
N VAL A 76 -16.71 -24.28 28.47
CA VAL A 76 -16.46 -22.84 28.44
C VAL A 76 -15.06 -22.55 27.87
N GLN A 77 -14.11 -23.44 28.16
CA GLN A 77 -12.79 -23.26 27.60
C GLN A 77 -12.75 -23.76 26.16
N ALA A 78 -13.46 -24.85 25.87
CA ALA A 78 -13.54 -25.32 24.49
C ALA A 78 -14.35 -24.33 23.62
N GLN A 79 -15.41 -23.77 24.20
CA GLN A 79 -16.18 -22.76 23.48
C GLN A 79 -15.32 -21.54 23.25
N ALA A 80 -14.49 -21.21 24.23
CA ALA A 80 -13.62 -20.05 24.06
C ALA A 80 -12.66 -20.27 22.91
N GLN A 81 -11.99 -21.42 22.91
CA GLN A 81 -11.01 -21.61 21.86
C GLN A 81 -11.68 -21.50 20.51
N VAL A 82 -12.83 -22.19 20.36
CA VAL A 82 -13.52 -22.11 19.09
C VAL A 82 -13.83 -20.67 18.75
N ASP A 83 -14.26 -19.89 19.73
CA ASP A 83 -14.63 -18.50 19.47
C ASP A 83 -13.42 -17.69 18.98
N SER A 84 -12.29 -17.85 19.64
CA SER A 84 -11.09 -17.11 19.30
C SER A 84 -10.59 -17.47 17.90
N LEU A 85 -10.50 -18.77 17.60
CA LEU A 85 -10.15 -19.17 16.24
C LEU A 85 -11.20 -18.60 15.24
N ARG A 86 -12.50 -18.61 15.59
CA ARG A 86 -13.47 -18.09 14.66
C ARG A 86 -13.18 -16.65 14.42
N ASP A 87 -12.76 -15.98 15.46
CA ASP A 87 -12.45 -14.60 15.29
C ASP A 87 -11.30 -14.44 14.31
N GLN A 88 -10.18 -15.09 14.59
CA GLN A 88 -9.00 -14.93 13.75
C GLN A 88 -9.33 -15.28 12.29
N TYR A 89 -10.05 -16.38 12.15
CA TYR A 89 -10.50 -16.85 10.86
C TYR A 89 -11.27 -15.74 10.16
N TYR A 90 -12.21 -15.14 10.89
CA TYR A 90 -13.04 -14.10 10.32
C TYR A 90 -12.16 -12.94 9.86
N THR A 91 -11.05 -12.71 10.58
CA THR A 91 -10.24 -11.56 10.19
C THR A 91 -9.55 -11.84 8.86
N THR A 92 -9.01 -13.04 8.73
CA THR A 92 -8.37 -13.36 7.47
C THR A 92 -9.41 -13.37 6.35
N LEU A 93 -10.62 -13.85 6.59
CA LEU A 93 -11.65 -13.84 5.54
C LEU A 93 -11.89 -12.45 5.01
N ALA A 94 -11.97 -11.49 5.92
CA ALA A 94 -12.14 -10.12 5.45
C ALA A 94 -10.98 -9.75 4.56
N THR A 95 -9.78 -9.95 5.09
CA THR A 95 -8.59 -9.58 4.35
C THR A 95 -8.47 -10.22 2.97
N GLU A 96 -8.86 -11.47 2.92
CA GLU A 96 -8.80 -12.26 1.72
C GLU A 96 -9.79 -11.74 0.68
N GLY A 97 -10.95 -11.30 1.15
CA GLY A 97 -11.92 -10.71 0.24
C GLY A 97 -11.28 -9.49 -0.39
N ARG A 98 -10.57 -8.72 0.46
CA ARG A 98 -9.94 -7.51 -0.06
C ARG A 98 -8.86 -7.84 -1.07
N LEU A 99 -7.96 -8.75 -0.72
CA LEU A 99 -6.86 -9.05 -1.62
C LEU A 99 -7.37 -9.60 -2.96
N LEU A 100 -8.36 -10.49 -2.95
CA LEU A 100 -8.90 -11.02 -4.21
C LEU A 100 -9.40 -9.90 -5.08
N ALA A 101 -10.16 -8.98 -4.49
CA ALA A 101 -10.61 -7.87 -5.30
C ALA A 101 -9.40 -7.08 -5.81
N GLU A 102 -8.39 -6.85 -4.99
CA GLU A 102 -7.31 -5.99 -5.48
C GLU A 102 -6.51 -6.71 -6.56
N ARG A 103 -6.44 -8.02 -6.46
CA ARG A 103 -5.75 -8.83 -7.44
C ARG A 103 -6.44 -8.76 -8.81
N ASP A 104 -7.77 -8.88 -8.78
CA ASP A 104 -8.56 -8.86 -10.01
C ASP A 104 -9.08 -7.45 -10.35
N GLY A 105 -8.42 -6.44 -9.80
CA GLY A 105 -8.87 -5.06 -9.93
C GLY A 105 -10.38 -4.84 -9.90
N LEU A 106 -11.10 -5.53 -9.02
CA LEU A 106 -12.54 -5.38 -8.98
C LEU A 106 -12.81 -3.98 -8.45
N SER A 107 -13.90 -3.37 -8.91
CA SER A 107 -14.27 -2.03 -8.48
C SER A 107 -14.71 -2.00 -7.02
N ILE A 108 -15.40 -3.05 -6.59
CA ILE A 108 -15.90 -3.17 -5.23
C ILE A 108 -15.45 -4.48 -4.59
N VAL A 109 -15.11 -4.44 -3.32
CA VAL A 109 -14.76 -5.64 -2.55
C VAL A 109 -16.04 -6.45 -2.25
N THR A 110 -15.95 -7.77 -2.38
CA THR A 110 -17.08 -8.64 -2.09
C THR A 110 -16.69 -9.76 -1.14
N PHE A 111 -17.30 -9.76 0.05
CA PHE A 111 -16.91 -10.65 1.14
C PHE A 111 -17.58 -12.02 1.16
N SER A 112 -16.90 -12.97 1.79
CA SER A 112 -17.37 -14.37 1.83
C SER A 112 -18.74 -14.45 2.47
N PRO A 113 -19.57 -15.33 1.97
CA PRO A 113 -20.91 -15.44 2.55
C PRO A 113 -20.85 -15.84 4.01
N ILE A 114 -19.79 -16.53 4.44
CA ILE A 114 -19.70 -16.85 5.86
C ILE A 114 -19.74 -15.59 6.69
N LEU A 115 -18.89 -14.65 6.29
CA LEU A 115 -18.78 -13.37 6.96
C LEU A 115 -20.14 -12.70 6.97
N ASP A 116 -20.86 -12.84 5.85
CA ASP A 116 -22.16 -12.22 5.71
C ASP A 116 -23.06 -12.77 6.83
N ALA A 117 -23.09 -14.10 6.94
CA ALA A 117 -23.96 -14.77 7.88
C ALA A 117 -23.72 -14.36 9.34
N VAL A 118 -22.50 -13.95 9.66
CA VAL A 118 -22.23 -13.51 11.02
C VAL A 118 -21.82 -12.04 11.03
N LYS A 119 -22.36 -11.26 10.08
CA LYS A 119 -22.13 -9.81 10.05
C LYS A 119 -22.59 -9.13 11.32
N ASP A 120 -23.62 -9.68 11.96
CA ASP A 120 -24.21 -9.08 13.15
C ASP A 120 -23.18 -8.95 14.28
N LYS A 121 -22.24 -9.91 14.35
CA LYS A 121 -21.18 -9.89 15.37
C LYS A 121 -20.37 -8.59 15.25
N PRO A 122 -20.22 -7.85 16.36
CA PRO A 122 -19.57 -6.54 16.22
C PRO A 122 -18.13 -6.59 15.69
N ARG A 123 -17.26 -7.47 16.15
CA ARG A 123 -15.91 -7.52 15.58
C ARG A 123 -15.92 -7.84 14.08
N VAL A 124 -16.81 -8.73 13.66
CA VAL A 124 -16.96 -9.01 12.24
C VAL A 124 -17.32 -7.76 11.46
N ALA A 125 -18.36 -7.06 11.90
CA ALA A 125 -18.80 -5.84 11.24
C ALA A 125 -17.66 -4.83 11.19
N GLU A 126 -16.93 -4.78 12.30
CA GLU A 126 -15.79 -3.88 12.46
C GLU A 126 -14.74 -4.15 11.41
N ILE A 127 -14.38 -5.42 11.26
CA ILE A 127 -13.26 -5.76 10.38
C ILE A 127 -13.69 -5.58 8.94
N ILE A 128 -14.96 -5.81 8.66
CA ILE A 128 -15.43 -5.58 7.32
C ILE A 128 -15.31 -4.10 7.01
N ALA A 129 -15.69 -3.28 7.98
CA ALA A 129 -15.62 -1.86 7.77
C ALA A 129 -14.18 -1.45 7.50
N LEU A 130 -13.25 -1.96 8.29
CA LEU A 130 -11.83 -1.60 8.16
C LEU A 130 -11.26 -2.06 6.82
N GLN A 131 -11.62 -3.28 6.42
CA GLN A 131 -11.11 -3.83 5.17
C GLN A 131 -11.66 -3.05 4.00
N THR A 132 -12.93 -2.71 4.07
CA THR A 132 -13.53 -1.89 3.01
C THR A 132 -12.83 -0.53 2.91
N GLN A 133 -12.52 0.02 4.08
CA GLN A 133 -11.81 1.28 4.17
C GLN A 133 -10.46 1.11 3.46
N LEU A 134 -9.66 0.21 3.99
CA LEU A 134 -8.30 -0.03 3.51
C LEU A 134 -8.32 -0.29 1.99
N PHE A 135 -9.37 -0.94 1.50
CA PHE A 135 -9.49 -1.14 0.07
C PHE A 135 -9.68 0.19 -0.65
N ALA A 136 -10.67 0.97 -0.20
CA ALA A 136 -10.99 2.27 -0.81
C ALA A 136 -9.75 3.11 -0.92
N SER A 137 -8.97 3.07 0.15
CA SER A 137 -7.77 3.88 0.17
C SER A 137 -6.83 3.36 -0.89
N ARG A 138 -6.51 2.07 -0.85
CA ARG A 138 -5.48 1.55 -1.74
C ARG A 138 -5.79 1.70 -3.23
N ARG A 139 -7.04 1.43 -3.60
CA ARG A 139 -7.45 1.57 -4.98
C ARG A 139 -7.27 3.04 -5.33
N GLN A 140 -7.65 3.90 -4.38
CA GLN A 140 -7.49 5.34 -4.62
C GLN A 140 -6.04 5.77 -4.84
N ALA A 141 -5.15 5.29 -4.01
CA ALA A 141 -3.75 5.71 -4.06
C ALA A 141 -3.14 5.29 -5.37
N LEU A 142 -3.51 4.09 -5.79
CA LEU A 142 -3.02 3.56 -7.07
C LEU A 142 -3.50 4.42 -8.23
N GLN A 143 -4.83 4.66 -8.27
CA GLN A 143 -5.35 5.51 -9.33
C GLN A 143 -4.62 6.84 -9.34
N SER A 144 -4.55 7.47 -8.18
CA SER A 144 -4.03 8.83 -8.09
C SER A 144 -2.59 8.87 -8.58
N GLU A 145 -1.82 7.87 -8.21
CA GLU A 145 -0.45 7.78 -8.69
C GLU A 145 -0.39 7.68 -10.21
N ILE A 146 -1.14 6.72 -10.76
CA ILE A 146 -1.09 6.44 -12.19
C ILE A 146 -1.56 7.69 -12.96
N ASP A 147 -2.56 8.38 -12.43
CA ASP A 147 -3.00 9.68 -12.94
C ASP A 147 -1.85 10.67 -12.96
N GLY A 148 -1.04 10.64 -11.90
CA GLY A 148 0.10 11.53 -11.83
C GLY A 148 1.07 11.27 -12.96
N TYR A 149 1.35 10.00 -13.19
CA TYR A 149 2.25 9.67 -14.28
C TYR A 149 1.65 10.04 -15.64
N LYS A 150 0.36 9.84 -15.85
CA LYS A 150 -0.17 10.17 -17.15
C LYS A 150 -0.10 11.67 -17.30
N GLN A 151 -0.34 12.42 -16.23
CA GLN A 151 -0.33 13.86 -16.42
C GLN A 151 1.07 14.41 -16.63
N SER A 152 2.03 13.78 -15.99
CA SER A 152 3.41 14.14 -16.17
C SER A 152 3.87 13.82 -17.59
N MET A 153 3.48 12.66 -18.11
CA MET A 153 3.83 12.34 -19.48
C MET A 153 3.16 13.32 -20.43
N ASP A 154 1.94 13.72 -20.13
CA ASP A 154 1.29 14.71 -20.96
C ASP A 154 2.13 15.98 -20.93
N GLY A 155 2.75 16.25 -19.80
CA GLY A 155 3.60 17.42 -19.69
C GLY A 155 4.80 17.35 -20.59
N ILE A 156 5.41 16.18 -20.61
CA ILE A 156 6.52 15.94 -21.53
C ILE A 156 6.04 16.14 -22.99
N ARG A 157 4.87 15.61 -23.33
CA ARG A 157 4.34 15.74 -24.69
C ARG A 157 4.10 17.22 -25.05
N PHE A 158 3.53 17.96 -24.13
CA PHE A 158 3.28 19.39 -24.31
C PHE A 158 4.62 20.11 -24.54
N GLN A 159 5.68 19.64 -23.89
CA GLN A 159 6.99 20.24 -24.13
C GLN A 159 7.50 19.91 -25.54
N LEU A 160 7.41 18.65 -25.92
CA LEU A 160 7.85 18.21 -27.23
C LEU A 160 7.13 18.97 -28.33
N LYS A 161 5.85 19.33 -28.11
CA LYS A 161 5.11 20.00 -29.16
C LYS A 161 5.84 21.31 -29.50
N GLY A 162 6.12 22.09 -28.46
CA GLY A 162 6.81 23.35 -28.64
C GLY A 162 8.16 23.13 -29.27
N LEU A 163 8.91 22.14 -28.79
CA LEU A 163 10.23 21.90 -29.34
C LEU A 163 10.18 21.54 -30.84
N GLN A 164 9.22 20.72 -31.23
CA GLN A 164 9.02 20.35 -32.63
C GLN A 164 8.68 21.57 -33.47
N ASP A 165 7.80 22.43 -32.95
CA ASP A 165 7.45 23.64 -33.66
C ASP A 165 8.69 24.51 -33.88
N SER A 166 9.48 24.65 -32.83
CA SER A 166 10.65 25.48 -32.91
C SER A 166 11.54 24.88 -34.00
N ARG A 167 11.73 23.56 -33.97
CA ARG A 167 12.63 22.94 -34.94
C ARG A 167 12.16 23.18 -36.36
N GLY A 168 10.85 23.09 -36.57
CA GLY A 168 10.33 23.30 -37.91
C GLY A 168 10.68 24.69 -38.39
N ASN A 169 10.40 25.67 -37.55
CA ASN A 169 10.67 27.04 -37.94
C ASN A 169 12.14 27.25 -38.24
N LYS A 170 12.98 26.63 -37.43
CA LYS A 170 14.41 26.71 -37.66
C LYS A 170 14.81 26.07 -38.99
N GLN A 171 14.14 24.97 -39.37
CA GLN A 171 14.41 24.38 -40.67
C GLN A 171 14.16 25.44 -41.73
N ILE A 172 13.05 26.14 -41.61
CA ILE A 172 12.76 27.18 -42.61
C ILE A 172 13.85 28.24 -42.65
N GLN A 173 14.24 28.73 -41.48
CA GLN A 173 15.28 29.74 -41.45
C GLN A 173 16.55 29.20 -42.13
N LEU A 174 16.87 27.92 -41.90
CA LEU A 174 18.03 27.29 -42.52
C LEU A 174 17.97 27.35 -44.04
N SER A 175 16.79 27.02 -44.57
CA SER A 175 16.60 27.03 -46.00
C SER A 175 16.82 28.45 -46.55
N SER A 176 16.15 29.42 -45.94
CA SER A 176 16.20 30.79 -46.45
C SER A 176 17.65 31.27 -46.43
N LEU A 177 18.35 30.93 -45.35
CA LEU A 177 19.75 31.27 -45.25
C LEU A 177 20.56 30.68 -46.38
N ARG A 178 20.33 29.39 -46.66
CA ARG A 178 21.13 28.76 -47.71
C ARG A 178 20.89 29.42 -49.07
N GLU A 179 19.62 29.68 -49.41
CA GLU A 179 19.30 30.34 -50.69
C GLU A 179 20.02 31.72 -50.76
N GLN A 180 20.01 32.45 -49.65
CA GLN A 180 20.68 33.75 -49.64
C GLN A 180 22.22 33.65 -49.72
N MET A 181 22.79 32.62 -49.10
CA MET A 181 24.22 32.35 -49.25
C MET A 181 24.56 32.11 -50.73
N ASN A 182 23.67 31.37 -51.42
CA ASN A 182 23.86 31.10 -52.84
C ASN A 182 23.86 32.40 -53.67
N SER A 183 22.82 33.22 -53.47
CA SER A 183 22.74 34.50 -54.17
C SER A 183 24.00 35.37 -53.92
N MET A 184 24.52 35.31 -52.71
CA MET A 184 25.79 35.98 -52.37
C MET A 184 27.00 35.39 -53.11
N LYS A 185 27.00 34.07 -53.28
CA LYS A 185 28.10 33.43 -54.00
C LYS A 185 28.09 33.96 -55.43
N GLN A 186 26.88 34.15 -55.95
CA GLN A 186 26.72 34.70 -57.28
C GLN A 186 27.28 36.11 -57.38
N LEU A 187 26.88 37.00 -56.47
CA LEU A 187 27.40 38.37 -56.54
C LEU A 187 28.89 38.40 -56.40
N ALA A 188 29.40 37.55 -55.51
CA ALA A 188 30.82 37.50 -55.27
C ALA A 188 31.55 37.17 -56.58
N ALA A 189 31.10 36.10 -57.25
CA ALA A 189 31.66 35.64 -58.50
C ALA A 189 31.57 36.69 -59.61
N ASP A 190 30.55 37.54 -59.53
CA ASP A 190 30.48 38.67 -60.46
C ASP A 190 31.43 39.81 -60.07
N GLY A 191 31.80 39.92 -58.79
CA GLY A 191 32.75 40.96 -58.42
C GLY A 191 32.13 42.07 -57.62
N TYR A 192 30.93 41.85 -57.11
CA TYR A 192 30.22 42.96 -56.49
C TYR A 192 30.18 42.97 -54.97
N LEU A 193 30.17 41.82 -54.32
CA LEU A 193 30.47 41.79 -52.88
C LEU A 193 31.71 40.94 -52.59
N PRO A 194 32.64 41.46 -51.79
CA PRO A 194 33.87 40.74 -51.46
C PRO A 194 33.52 39.46 -50.72
N ARG A 195 34.31 38.39 -50.88
CA ARG A 195 34.04 37.10 -50.21
C ARG A 195 33.93 37.19 -48.67
N ASN A 196 34.43 38.28 -48.10
CA ASN A 196 34.50 38.52 -46.65
C ASN A 196 33.17 38.57 -45.87
N ARG A 197 32.13 39.25 -46.38
CA ARG A 197 30.82 39.13 -45.72
C ARG A 197 30.06 37.95 -46.33
N TYR A 198 30.58 37.43 -47.44
CA TYR A 198 30.01 36.24 -48.06
C TYR A 198 30.16 35.07 -47.11
N LEU A 199 31.24 35.07 -46.32
CA LEU A 199 31.44 34.06 -45.27
C LEU A 199 30.48 34.23 -44.06
N GLU A 200 30.02 35.46 -43.85
CA GLU A 200 29.16 35.76 -42.71
C GLU A 200 27.87 34.97 -42.65
N VAL A 201 27.20 34.87 -43.79
CA VAL A 201 25.92 34.18 -43.84
C VAL A 201 26.15 32.71 -43.56
N GLN A 202 27.32 32.20 -43.94
CA GLN A 202 27.67 30.84 -43.57
C GLN A 202 27.83 30.72 -42.05
N ARG A 203 28.38 31.77 -41.39
CA ARG A 203 28.41 31.72 -39.94
C ARG A 203 26.97 31.64 -39.44
N GLN A 204 26.08 32.44 -40.03
CA GLN A 204 24.72 32.50 -39.51
C GLN A 204 24.08 31.11 -39.63
N PHE A 205 24.25 30.52 -40.81
CA PHE A 205 23.70 29.20 -41.14
C PHE A 205 24.16 28.19 -40.09
N ALA A 206 25.46 28.14 -39.85
CA ALA A 206 25.98 27.22 -38.85
C ALA A 206 25.38 27.50 -37.47
N GLU A 207 25.20 28.76 -37.09
CA GLU A 207 24.69 28.99 -35.74
C GLU A 207 23.27 28.44 -35.63
N VAL A 208 22.47 28.75 -36.64
CA VAL A 208 21.08 28.30 -36.63
C VAL A 208 21.03 26.79 -36.53
N ASN A 209 21.86 26.11 -37.32
CA ASN A 209 21.93 24.66 -37.31
C ASN A 209 22.31 24.15 -35.92
N SER A 210 23.33 24.76 -35.31
CA SER A 210 23.81 24.24 -34.04
C SER A 210 22.73 24.41 -33.00
N SER A 211 21.98 25.49 -33.15
CA SER A 211 20.80 25.75 -32.33
C SER A 211 19.79 24.62 -32.53
N ILE A 212 19.63 24.19 -33.79
CA ILE A 212 18.66 23.15 -34.07
C ILE A 212 19.06 21.90 -33.32
N ASP A 213 20.33 21.53 -33.38
CA ASP A 213 20.72 20.32 -32.68
C ASP A 213 20.71 20.46 -31.17
N GLU A 214 20.87 21.66 -30.63
CA GLU A 214 20.64 21.82 -29.20
C GLU A 214 19.22 21.38 -28.89
N THR A 215 18.29 21.92 -29.67
CA THR A 215 16.88 21.59 -29.52
C THR A 215 16.60 20.08 -29.67
N VAL A 216 17.18 19.45 -30.68
CA VAL A 216 17.02 18.02 -30.86
C VAL A 216 17.60 17.24 -29.67
N GLY A 217 18.71 17.71 -29.13
CA GLY A 217 19.31 16.99 -28.02
C GLY A 217 18.25 16.96 -26.95
N ARG A 218 17.61 18.10 -26.75
CA ARG A 218 16.56 18.16 -25.74
C ARG A 218 15.43 17.20 -26.07
N ILE A 219 15.04 17.17 -27.35
CA ILE A 219 13.96 16.31 -27.78
C ILE A 219 14.27 14.86 -27.46
N GLY A 220 15.45 14.40 -27.81
CA GLY A 220 15.81 13.02 -27.60
C GLY A 220 15.78 12.70 -26.13
N GLN A 221 16.33 13.60 -25.33
CA GLN A 221 16.45 13.34 -23.91
C GLN A 221 15.05 13.17 -23.33
N LEU A 222 14.14 14.04 -23.77
CA LEU A 222 12.75 13.99 -23.35
C LEU A 222 12.04 12.71 -23.81
N GLN A 223 12.28 12.30 -25.05
CA GLN A 223 11.67 11.10 -25.60
C GLN A 223 12.06 9.92 -24.70
N LYS A 224 13.29 9.99 -24.22
CA LYS A 224 13.79 9.03 -23.25
C LYS A 224 12.98 9.16 -21.96
N GLN A 225 12.75 10.38 -21.50
CA GLN A 225 12.02 10.56 -20.24
C GLN A 225 10.63 9.93 -20.34
N LEU A 226 10.05 9.99 -21.53
CA LEU A 226 8.80 9.29 -21.78
C LEU A 226 8.93 7.79 -21.64
N LEU A 227 9.93 7.21 -22.31
CA LEU A 227 10.08 5.75 -22.17
C LEU A 227 10.32 5.38 -20.69
N GLU A 228 11.16 6.16 -20.01
CA GLU A 228 11.50 5.91 -18.61
C GLU A 228 10.33 6.03 -17.64
N SER A 229 9.55 7.08 -17.81
CA SER A 229 8.45 7.29 -16.90
C SER A 229 7.42 6.20 -17.16
N GLN A 230 7.21 5.89 -18.43
CA GLN A 230 6.30 4.81 -18.75
C GLN A 230 6.74 3.48 -18.14
N GLN A 231 8.03 3.16 -18.20
CA GLN A 231 8.48 1.92 -17.60
C GLN A 231 8.39 2.01 -16.06
N ARG A 232 8.47 3.21 -15.48
CA ARG A 232 8.29 3.36 -14.04
C ARG A 232 6.87 3.00 -13.64
N ILE A 233 5.91 3.43 -14.45
CA ILE A 233 4.52 3.04 -14.24
C ILE A 233 4.42 1.53 -14.29
N ASP A 234 4.94 0.97 -15.37
CA ASP A 234 4.76 -0.45 -15.60
C ASP A 234 5.36 -1.27 -14.48
N GLN A 235 6.58 -0.92 -14.12
CA GLN A 235 7.29 -1.60 -13.07
C GLN A 235 6.57 -1.52 -11.75
N ARG A 236 5.97 -0.38 -11.44
CA ARG A 236 5.41 -0.31 -10.11
C ARG A 236 4.05 -0.99 -10.10
N PHE A 237 3.39 -1.03 -11.25
CA PHE A 237 2.19 -1.86 -11.39
C PHE A 237 2.53 -3.33 -11.15
N ALA A 238 3.59 -3.78 -11.79
CA ALA A 238 4.06 -5.13 -11.60
C ALA A 238 4.33 -5.34 -10.12
N ASP A 239 4.87 -4.31 -9.48
CA ASP A 239 5.19 -4.39 -8.07
C ASP A 239 3.94 -4.54 -7.20
N TYR A 240 2.91 -3.77 -7.53
CA TYR A 240 1.63 -3.85 -6.83
C TYR A 240 1.03 -5.25 -6.98
N GLN A 241 1.04 -5.79 -8.19
CA GLN A 241 0.53 -7.14 -8.39
C GLN A 241 1.38 -8.12 -7.58
N ARG A 242 2.70 -7.93 -7.56
CA ARG A 242 3.57 -8.89 -6.87
C ARG A 242 3.23 -8.87 -5.40
N GLU A 243 3.06 -7.67 -4.87
CA GLU A 243 2.79 -7.50 -3.46
C GLU A 243 1.46 -8.20 -3.16
N VAL A 244 0.42 -7.84 -3.89
CA VAL A 244 -0.90 -8.43 -3.68
C VAL A 244 -0.91 -9.97 -3.83
N ARG A 245 -0.23 -10.49 -4.83
CA ARG A 245 -0.23 -11.92 -5.05
C ARG A 245 0.48 -12.60 -3.88
N THR A 246 1.56 -12.00 -3.42
CA THR A 246 2.27 -12.53 -2.26
C THR A 246 1.41 -12.53 -1.03
N GLN A 247 0.91 -11.35 -0.69
CA GLN A 247 0.12 -11.14 0.50
C GLN A 247 -1.07 -12.10 0.50
N LEU A 248 -1.71 -12.25 -0.66
CA LEU A 248 -2.81 -13.19 -0.78
C LEU A 248 -2.32 -14.60 -0.43
N ALA A 249 -1.13 -14.96 -0.92
CA ALA A 249 -0.63 -16.28 -0.63
C ALA A 249 -0.54 -16.45 0.88
N GLN A 250 -0.06 -15.39 1.54
CA GLN A 250 0.10 -15.40 2.98
C GLN A 250 -1.23 -15.63 3.67
N THR A 251 -2.20 -14.86 3.23
CA THR A 251 -3.53 -14.98 3.77
C THR A 251 -4.08 -16.38 3.56
N GLN A 252 -3.83 -16.99 2.41
CA GLN A 252 -4.39 -18.31 2.15
C GLN A 252 -3.77 -19.30 3.10
N MET A 253 -2.47 -19.14 3.33
CA MET A 253 -1.79 -20.02 4.24
C MET A 253 -2.45 -19.91 5.60
N ASP A 254 -2.68 -18.67 6.02
CA ASP A 254 -3.29 -18.42 7.31
C ASP A 254 -4.69 -18.99 7.41
N ALA A 255 -5.47 -18.77 6.36
CA ALA A 255 -6.83 -19.27 6.31
C ALA A 255 -6.77 -20.76 6.49
N SER A 256 -5.81 -21.38 5.82
CA SER A 256 -5.74 -22.80 5.88
C SER A 256 -5.42 -23.22 7.30
N GLU A 257 -4.51 -22.47 7.92
CA GLU A 257 -4.03 -22.81 9.23
C GLU A 257 -5.19 -22.74 10.23
N PHE A 258 -6.02 -21.71 10.08
CA PHE A 258 -7.16 -21.52 10.97
C PHE A 258 -8.24 -22.52 10.70
N ARG A 259 -8.49 -22.78 9.43
CA ARG A 259 -9.55 -23.68 9.01
C ARG A 259 -9.31 -25.03 9.66
N ASN A 260 -8.13 -25.56 9.41
CA ASN A 260 -7.84 -26.88 9.94
C ASN A 260 -7.81 -26.86 11.49
N LYS A 261 -7.27 -25.79 12.06
CA LYS A 261 -7.28 -25.66 13.51
C LYS A 261 -8.68 -25.66 14.11
N LEU A 262 -9.58 -24.96 13.44
CA LEU A 262 -10.96 -24.80 13.85
C LEU A 262 -11.68 -26.13 13.72
N GLN A 263 -11.35 -26.85 12.68
CA GLN A 263 -11.86 -28.18 12.52
C GLN A 263 -11.50 -28.99 13.77
N MET A 264 -10.26 -28.85 14.23
CA MET A 264 -9.83 -29.60 15.40
C MET A 264 -10.59 -29.14 16.66
N ALA A 265 -10.70 -27.82 16.82
CA ALA A 265 -11.40 -27.24 17.96
C ALA A 265 -12.85 -27.72 18.02
N ASP A 266 -13.49 -27.76 16.85
CA ASP A 266 -14.85 -28.26 16.71
C ASP A 266 -14.90 -29.72 17.11
N PHE A 267 -13.87 -30.51 16.76
CA PHE A 267 -13.87 -31.90 17.23
C PHE A 267 -13.88 -31.92 18.77
N ASP A 268 -13.06 -31.09 19.39
CA ASP A 268 -12.99 -31.07 20.85
C ASP A 268 -14.32 -30.66 21.50
N LEU A 269 -14.93 -29.60 21.00
CA LEU A 269 -16.17 -29.13 21.60
C LEU A 269 -17.31 -30.15 21.36
N GLY A 270 -17.36 -30.73 20.16
CA GLY A 270 -18.33 -31.77 19.86
C GLY A 270 -18.14 -32.94 20.79
N ASN A 271 -16.88 -33.16 21.16
CA ASN A 271 -16.49 -34.26 22.03
C ASN A 271 -16.68 -34.01 23.53
N THR A 272 -17.06 -32.79 23.91
CA THR A 272 -17.40 -32.57 25.33
C THR A 272 -18.70 -33.27 25.75
N ALA A 273 -19.51 -33.71 24.80
CA ALA A 273 -20.74 -34.42 25.12
C ALA A 273 -20.61 -35.90 24.76
N ILE A 274 -20.47 -36.75 25.79
CA ILE A 274 -20.21 -38.17 25.62
C ILE A 274 -21.49 -38.94 25.24
N THR A 275 -21.31 -39.95 24.38
CA THR A 275 -22.39 -40.77 23.83
C THR A 275 -22.11 -42.27 23.98
N SER A 276 -23.16 -43.08 24.12
CA SER A 276 -23.01 -44.55 24.13
C SER A 276 -22.63 -45.13 22.77
N PRO A 277 -21.84 -46.21 22.78
CA PRO A 277 -21.52 -47.00 21.59
C PRO A 277 -22.55 -48.06 21.20
N VAL A 278 -22.88 -48.95 22.13
CA VAL A 278 -23.82 -50.03 21.86
C VAL A 278 -25.27 -49.54 22.01
N ASP A 279 -26.23 -50.47 21.93
CA ASP A 279 -27.65 -50.17 22.19
C ASP A 279 -28.32 -51.00 23.30
N GLY A 280 -28.37 -50.43 24.51
CA GLY A 280 -29.06 -51.07 25.63
C GLY A 280 -28.79 -50.39 26.96
N THR A 281 -28.93 -51.10 28.08
CA THR A 281 -28.85 -50.45 29.40
C THR A 281 -27.46 -49.88 29.80
N VAL A 282 -27.34 -49.40 31.04
CA VAL A 282 -26.04 -48.86 31.52
C VAL A 282 -25.69 -49.35 32.93
N VAL A 283 -24.42 -49.71 33.10
CA VAL A 283 -23.93 -50.22 34.37
C VAL A 283 -22.59 -49.58 34.72
N GLY A 284 -22.42 -49.26 36.00
CA GLY A 284 -21.13 -48.88 36.54
C GLY A 284 -20.92 -47.41 36.83
N LEU A 285 -21.92 -46.76 37.42
CA LEU A 285 -21.80 -45.35 37.80
C LEU A 285 -20.82 -45.15 38.96
N ASN A 286 -20.06 -44.05 38.92
CA ASN A 286 -19.59 -43.46 40.16
C ASN A 286 -20.67 -42.46 40.54
N ILE A 287 -21.58 -42.90 41.40
CA ILE A 287 -22.87 -42.27 41.67
C ILE A 287 -22.90 -40.74 41.60
N PHE A 288 -21.89 -40.10 42.17
CA PHE A 288 -21.89 -38.65 42.33
C PHE A 288 -20.60 -37.98 41.88
N THR A 289 -20.29 -38.09 40.59
CA THR A 289 -19.14 -37.39 40.06
C THR A 289 -19.61 -36.09 39.44
N GLN A 290 -20.91 -35.84 39.55
CA GLN A 290 -21.53 -34.69 38.90
C GLN A 290 -20.89 -33.40 39.39
N GLY A 291 -20.17 -32.72 38.50
CA GLY A 291 -19.52 -31.46 38.83
C GLY A 291 -18.03 -31.59 39.10
N GLY A 292 -17.52 -32.83 39.04
CA GLY A 292 -16.16 -33.10 39.47
C GLY A 292 -15.22 -33.38 38.32
N VAL A 293 -13.94 -33.06 38.51
CA VAL A 293 -12.97 -33.18 37.43
C VAL A 293 -12.63 -34.65 37.10
N VAL A 294 -12.31 -34.88 35.83
CA VAL A 294 -12.05 -36.20 35.28
C VAL A 294 -10.70 -36.17 34.56
N GLY A 295 -10.14 -37.33 34.27
CA GLY A 295 -8.92 -37.41 33.49
C GLY A 295 -9.06 -38.20 32.21
N ALA A 296 -8.10 -38.01 31.31
CA ALA A 296 -7.96 -38.86 30.15
C ALA A 296 -7.45 -40.23 30.63
N GLY A 297 -8.08 -41.29 30.12
CA GLY A 297 -7.74 -42.64 30.55
C GLY A 297 -8.62 -43.11 31.70
N ASP A 298 -9.64 -42.31 32.02
CA ASP A 298 -10.59 -42.63 33.08
C ASP A 298 -11.90 -43.18 32.51
N HIS A 299 -12.25 -44.40 32.90
CA HIS A 299 -13.51 -45.00 32.51
C HIS A 299 -14.45 -44.94 33.69
N LEU A 300 -15.53 -44.17 33.58
CA LEU A 300 -16.44 -44.02 34.70
C LEU A 300 -17.83 -44.62 34.46
N MET A 301 -18.01 -45.26 33.30
CA MET A 301 -19.28 -45.93 33.00
C MET A 301 -19.11 -47.00 31.90
N ASP A 302 -20.03 -47.99 31.90
CA ASP A 302 -20.08 -49.05 30.89
C ASP A 302 -21.53 -49.24 30.46
N VAL A 303 -21.73 -49.74 29.22
CA VAL A 303 -23.06 -49.84 28.61
C VAL A 303 -23.35 -51.30 28.14
N VAL A 304 -24.58 -51.78 28.34
CA VAL A 304 -24.95 -53.20 28.13
C VAL A 304 -25.95 -53.34 26.95
N PRO A 305 -25.82 -54.43 26.16
CA PRO A 305 -26.75 -55.04 25.20
C PRO A 305 -26.98 -56.54 25.48
N SER A 306 -28.16 -56.94 25.91
CA SER A 306 -28.41 -58.37 26.16
C SER A 306 -29.42 -58.93 25.16
N ASN B 41 35.07 64.60 -31.55
CA ASN B 41 35.55 64.29 -32.89
C ASN B 41 34.90 63.04 -33.51
N ARG B 42 33.57 63.02 -33.59
CA ARG B 42 32.78 61.97 -34.27
C ARG B 42 32.86 60.54 -33.73
N LYS B 43 31.74 59.81 -33.87
CA LYS B 43 31.62 58.43 -33.41
C LYS B 43 31.08 57.54 -34.55
N THR B 44 31.48 56.26 -34.57
CA THR B 44 31.08 55.36 -35.65
C THR B 44 30.22 54.19 -35.18
N VAL B 45 29.11 53.95 -35.88
CA VAL B 45 28.21 52.88 -35.49
C VAL B 45 28.58 51.53 -36.15
N GLN B 46 29.04 50.57 -35.36
CA GLN B 46 29.45 49.26 -35.87
C GLN B 46 28.77 48.04 -35.18
N ALA B 47 27.49 47.80 -35.43
CA ALA B 47 26.80 46.71 -34.73
C ALA B 47 26.40 45.57 -35.66
N PRO B 48 26.83 44.33 -35.32
CA PRO B 48 26.77 42.97 -35.91
C PRO B 48 27.33 42.86 -37.35
N GLN B 75 13.05 42.91 -34.83
CA GLN B 75 12.14 41.95 -34.23
C GLN B 75 11.92 40.77 -35.18
N VAL B 76 12.83 40.64 -36.16
CA VAL B 76 12.59 39.80 -37.33
C VAL B 76 12.70 38.25 -37.18
N GLN B 77 13.61 37.71 -36.39
CA GLN B 77 13.71 36.25 -36.18
C GLN B 77 14.19 35.88 -34.78
N ALA B 78 14.95 36.79 -34.18
CA ALA B 78 15.41 36.62 -32.82
C ALA B 78 14.18 36.58 -31.91
N GLN B 79 13.12 37.27 -32.32
CA GLN B 79 11.85 37.21 -31.59
C GLN B 79 11.39 35.77 -31.44
N ALA B 80 11.58 34.99 -32.49
CA ALA B 80 11.19 33.59 -32.46
C ALA B 80 11.99 32.87 -31.37
N GLN B 81 13.30 33.11 -31.36
CA GLN B 81 14.17 32.47 -30.39
C GLN B 81 13.71 32.81 -28.98
N VAL B 82 13.46 34.10 -28.76
CA VAL B 82 12.98 34.56 -27.47
C VAL B 82 11.70 33.85 -27.09
N ASP B 83 10.80 33.67 -28.05
CA ASP B 83 9.52 33.05 -27.78
C ASP B 83 9.76 31.62 -27.27
N SER B 84 10.63 30.93 -28.00
CA SER B 84 10.94 29.54 -27.73
C SER B 84 11.56 29.35 -26.35
N LEU B 85 12.55 30.18 -26.02
CA LEU B 85 13.13 30.10 -24.70
C LEU B 85 12.01 30.41 -23.68
N ARG B 86 11.14 31.35 -24.02
CA ARG B 86 10.12 31.81 -23.09
C ARG B 86 9.12 30.74 -22.65
N ASP B 87 8.59 29.95 -23.58
CA ASP B 87 7.65 28.93 -23.10
C ASP B 87 8.41 27.93 -22.22
N GLN B 88 9.60 27.50 -22.65
CA GLN B 88 10.37 26.52 -21.87
C GLN B 88 10.56 27.00 -20.46
N TYR B 89 10.98 28.25 -20.37
CA TYR B 89 11.12 28.91 -19.09
C TYR B 89 9.81 28.84 -18.28
N TYR B 90 8.69 29.19 -18.90
CA TYR B 90 7.39 29.19 -18.21
C TYR B 90 7.06 27.83 -17.69
N THR B 91 7.52 26.81 -18.43
CA THR B 91 7.25 25.43 -18.08
C THR B 91 8.00 25.14 -16.80
N THR B 92 9.24 25.62 -16.76
CA THR B 92 10.03 25.45 -15.56
C THR B 92 9.43 26.23 -14.37
N LEU B 93 8.92 27.44 -14.59
CA LEU B 93 8.30 28.23 -13.52
C LEU B 93 7.11 27.48 -12.93
N ALA B 94 6.26 26.95 -13.81
CA ALA B 94 5.11 26.17 -13.35
C ALA B 94 5.57 24.98 -12.51
N THR B 95 6.52 24.22 -13.07
CA THR B 95 7.05 23.03 -12.38
C THR B 95 7.65 23.38 -11.00
N GLU B 96 8.31 24.53 -10.94
CA GLU B 96 8.86 25.00 -9.69
C GLU B 96 7.76 25.41 -8.70
N GLY B 97 6.69 26.03 -9.16
CA GLY B 97 5.62 26.37 -8.23
C GLY B 97 5.06 25.08 -7.64
N ARG B 98 4.90 24.07 -8.49
CA ARG B 98 4.32 22.83 -8.01
C ARG B 98 5.25 22.26 -6.96
N LEU B 99 6.51 22.13 -7.33
CA LEU B 99 7.50 21.51 -6.45
C LEU B 99 7.69 22.27 -5.14
N LEU B 100 7.73 23.59 -5.17
CA LEU B 100 7.81 24.37 -3.96
C LEU B 100 6.63 24.06 -3.05
N ALA B 101 5.44 23.99 -3.64
CA ALA B 101 4.26 23.63 -2.86
C ALA B 101 4.42 22.23 -2.24
N GLU B 102 5.02 21.30 -2.96
CA GLU B 102 5.14 19.95 -2.45
C GLU B 102 6.26 19.81 -1.41
N ARG B 103 7.31 20.62 -1.54
CA ARG B 103 8.43 20.58 -0.61
C ARG B 103 7.98 20.95 0.78
N ASP B 104 7.17 22.01 0.81
CA ASP B 104 6.56 22.51 2.01
C ASP B 104 5.24 21.75 2.05
N GLY B 105 4.31 22.11 2.91
CA GLY B 105 3.13 21.26 2.97
C GLY B 105 1.91 22.01 2.55
N LEU B 106 2.06 22.81 1.51
CA LEU B 106 0.97 23.71 1.13
C LEU B 106 -0.17 22.94 0.50
N SER B 107 -1.38 23.40 0.80
CA SER B 107 -2.59 22.82 0.26
C SER B 107 -2.79 23.20 -1.20
N ILE B 108 -2.36 24.41 -1.57
CA ILE B 108 -2.59 24.86 -2.95
C ILE B 108 -1.30 25.39 -3.62
N VAL B 109 -1.08 25.07 -4.90
CA VAL B 109 0.07 25.63 -5.61
C VAL B 109 -0.16 27.12 -5.92
N THR B 110 0.87 27.93 -5.75
CA THR B 110 0.75 29.34 -6.09
C THR B 110 1.84 29.72 -7.06
N PHE B 111 1.44 30.11 -8.27
CA PHE B 111 2.37 30.31 -9.38
C PHE B 111 3.00 31.69 -9.49
N SER B 112 4.16 31.71 -10.14
CA SER B 112 4.95 32.91 -10.22
C SER B 112 4.21 34.03 -10.92
N PRO B 113 4.42 35.27 -10.43
CA PRO B 113 3.84 36.47 -11.04
C PRO B 113 4.28 36.61 -12.48
N ILE B 114 5.41 36.00 -12.83
CA ILE B 114 5.81 35.96 -14.22
C ILE B 114 4.72 35.23 -15.01
N LEU B 115 4.42 34.00 -14.59
CA LEU B 115 3.37 33.22 -15.22
C LEU B 115 2.05 33.90 -15.05
N ASP B 116 1.86 34.48 -13.87
CA ASP B 116 0.60 35.09 -13.44
C ASP B 116 0.20 36.20 -14.39
N ALA B 117 1.16 37.04 -14.71
CA ALA B 117 0.94 38.18 -15.59
C ALA B 117 0.46 37.78 -16.97
N VAL B 118 0.78 36.55 -17.38
CA VAL B 118 0.45 36.12 -18.72
C VAL B 118 -0.47 34.83 -18.84
N LYS B 119 -1.49 34.69 -17.97
CA LYS B 119 -2.39 33.52 -18.10
C LYS B 119 -3.03 33.35 -19.47
N ASP B 120 -3.35 34.48 -20.09
CA ASP B 120 -4.18 34.50 -21.28
C ASP B 120 -3.61 33.62 -22.39
N LYS B 121 -2.28 33.60 -22.52
CA LYS B 121 -1.62 32.76 -23.52
C LYS B 121 -1.99 31.30 -23.25
N PRO B 122 -2.51 30.62 -24.26
CA PRO B 122 -3.06 29.26 -24.15
C PRO B 122 -2.05 28.24 -23.67
N ARG B 123 -0.82 28.28 -24.18
CA ARG B 123 0.22 27.33 -23.77
C ARG B 123 0.50 27.45 -22.28
N VAL B 124 0.56 28.70 -21.82
CA VAL B 124 0.70 29.00 -20.40
C VAL B 124 -0.49 28.46 -19.60
N ALA B 125 -1.71 28.82 -19.99
CA ALA B 125 -2.89 28.39 -19.26
C ALA B 125 -2.88 26.86 -19.16
N GLU B 126 -2.44 26.25 -20.25
CA GLU B 126 -2.32 24.79 -20.33
C GLU B 126 -1.32 24.28 -19.29
N ILE B 127 -0.13 24.88 -19.24
CA ILE B 127 0.92 24.33 -18.36
C ILE B 127 0.57 24.55 -16.89
N ILE B 128 -0.13 25.64 -16.60
CA ILE B 128 -0.64 25.88 -15.25
C ILE B 128 -1.68 24.84 -14.88
N ALA B 129 -2.60 24.56 -15.81
CA ALA B 129 -3.64 23.57 -15.55
C ALA B 129 -2.99 22.24 -15.27
N LEU B 130 -1.97 21.93 -16.06
CA LEU B 130 -1.30 20.66 -15.92
C LEU B 130 -0.66 20.55 -14.55
N GLN B 131 0.03 21.61 -14.14
CA GLN B 131 0.67 21.57 -12.83
C GLN B 131 -0.36 21.47 -11.70
N THR B 132 -1.46 22.19 -11.81
CA THR B 132 -2.50 22.10 -10.79
C THR B 132 -3.02 20.68 -10.67
N GLN B 133 -3.23 20.04 -11.81
CA GLN B 133 -3.70 18.68 -11.82
C GLN B 133 -2.65 17.75 -11.19
N LEU B 134 -1.45 17.73 -11.75
CA LEU B 134 -0.40 16.85 -11.30
C LEU B 134 -0.14 17.01 -9.81
N PHE B 135 -0.28 18.24 -9.34
CA PHE B 135 -0.16 18.51 -7.92
C PHE B 135 -1.28 17.79 -7.17
N ALA B 136 -2.52 18.01 -7.61
CA ALA B 136 -3.66 17.37 -6.96
C ALA B 136 -3.53 15.83 -6.95
N SER B 137 -3.09 15.27 -8.06
CA SER B 137 -2.99 13.83 -8.19
C SER B 137 -1.99 13.33 -7.17
N ARG B 138 -0.85 13.99 -7.13
CA ARG B 138 0.20 13.50 -6.25
C ARG B 138 -0.28 13.59 -4.82
N ARG B 139 -0.84 14.73 -4.44
CA ARG B 139 -1.26 14.89 -3.02
C ARG B 139 -2.31 13.87 -2.67
N GLN B 140 -3.29 13.67 -3.56
CA GLN B 140 -4.31 12.67 -3.26
C GLN B 140 -3.64 11.33 -3.08
N ALA B 141 -2.66 11.03 -3.91
CA ALA B 141 -2.03 9.71 -3.82
C ALA B 141 -1.27 9.51 -2.48
N LEU B 142 -0.52 10.50 -2.06
CA LEU B 142 0.22 10.38 -0.81
C LEU B 142 -0.78 10.23 0.33
N GLN B 143 -1.81 11.09 0.29
CA GLN B 143 -2.84 11.06 1.29
C GLN B 143 -3.37 9.64 1.41
N SER B 144 -3.86 9.12 0.29
CA SER B 144 -4.51 7.82 0.29
C SER B 144 -3.56 6.70 0.73
N GLU B 145 -2.31 6.78 0.28
CA GLU B 145 -1.31 5.81 0.73
C GLU B 145 -1.15 5.80 2.26
N ILE B 146 -0.85 6.95 2.86
CA ILE B 146 -0.59 6.98 4.29
C ILE B 146 -1.86 6.61 5.08
N ASP B 147 -3.03 7.04 4.60
CA ASP B 147 -4.28 6.61 5.22
C ASP B 147 -4.34 5.09 5.20
N GLY B 148 -3.94 4.50 4.08
CA GLY B 148 -3.91 3.08 3.94
C GLY B 148 -3.03 2.45 5.00
N TYR B 149 -1.87 3.06 5.24
CA TYR B 149 -0.96 2.54 6.24
C TYR B 149 -1.67 2.61 7.60
N LYS B 150 -2.37 3.71 7.86
CA LYS B 150 -2.94 3.83 9.18
C LYS B 150 -4.03 2.80 9.39
N GLN B 151 -4.85 2.52 8.39
CA GLN B 151 -5.90 1.56 8.67
C GLN B 151 -5.33 0.16 8.72
N SER B 152 -4.21 -0.05 8.02
CA SER B 152 -3.49 -1.31 8.14
C SER B 152 -3.06 -1.49 9.59
N MET B 153 -2.54 -0.42 10.17
CA MET B 153 -2.16 -0.45 11.56
C MET B 153 -3.38 -0.65 12.43
N ASP B 154 -4.51 -0.06 12.04
CA ASP B 154 -5.71 -0.21 12.83
C ASP B 154 -6.18 -1.65 12.84
N GLY B 155 -6.00 -2.34 11.71
CA GLY B 155 -6.33 -3.74 11.61
C GLY B 155 -5.43 -4.55 12.52
N ILE B 156 -4.15 -4.19 12.53
CA ILE B 156 -3.23 -4.85 13.44
C ILE B 156 -3.66 -4.64 14.90
N ARG B 157 -4.00 -3.40 15.26
CA ARG B 157 -4.37 -3.12 16.63
C ARG B 157 -5.59 -3.96 16.97
N PHE B 158 -6.49 -4.01 16.01
CA PHE B 158 -7.68 -4.81 16.14
C PHE B 158 -7.38 -6.30 16.37
N GLN B 159 -6.31 -6.81 15.76
CA GLN B 159 -5.91 -8.20 15.99
C GLN B 159 -5.38 -8.35 17.42
N LEU B 160 -4.57 -7.38 17.80
CA LEU B 160 -3.94 -7.38 19.11
C LEU B 160 -4.98 -7.49 20.20
N LYS B 161 -6.10 -6.80 20.01
CA LYS B 161 -7.13 -6.76 21.05
C LYS B 161 -7.63 -8.17 21.35
N GLY B 162 -7.98 -8.90 20.29
CA GLY B 162 -8.44 -10.26 20.41
C GLY B 162 -7.38 -11.15 21.04
N LEU B 163 -6.12 -11.00 20.63
CA LEU B 163 -5.12 -11.88 21.21
C LEU B 163 -5.07 -11.62 22.71
N GLN B 164 -5.16 -10.37 23.12
CA GLN B 164 -5.13 -10.07 24.55
C GLN B 164 -6.32 -10.74 25.25
N ASP B 165 -7.51 -10.70 24.65
CA ASP B 165 -8.67 -11.34 25.27
C ASP B 165 -8.36 -12.79 25.56
N SER B 166 -7.81 -13.45 24.56
CA SER B 166 -7.52 -14.86 24.71
C SER B 166 -6.53 -15.02 25.85
N ARG B 167 -5.48 -14.20 25.82
CA ARG B 167 -4.40 -14.40 26.75
C ARG B 167 -4.93 -14.31 28.17
N GLY B 168 -5.79 -13.32 28.41
CA GLY B 168 -6.38 -13.18 29.72
C GLY B 168 -7.20 -14.41 30.10
N ASN B 169 -8.08 -14.84 29.20
CA ASN B 169 -8.94 -15.98 29.53
C ASN B 169 -8.14 -17.26 29.80
N LYS B 170 -7.05 -17.42 29.06
CA LYS B 170 -6.11 -18.51 29.31
C LYS B 170 -5.46 -18.34 30.67
N GLN B 171 -5.13 -17.11 31.04
CA GLN B 171 -4.56 -16.84 32.35
C GLN B 171 -5.51 -17.37 33.42
N ILE B 172 -6.78 -17.08 33.22
CA ILE B 172 -7.74 -17.52 34.21
C ILE B 172 -7.72 -19.04 34.29
N GLN B 173 -7.78 -19.70 33.12
CA GLN B 173 -7.76 -21.17 33.15
C GLN B 173 -6.49 -21.70 33.81
N LEU B 174 -5.39 -20.98 33.59
CA LEU B 174 -4.09 -21.27 34.21
C LEU B 174 -4.10 -21.17 35.77
N SER B 175 -4.69 -20.11 36.31
CA SER B 175 -4.72 -20.00 37.75
C SER B 175 -5.52 -21.18 38.24
N SER B 176 -6.67 -21.42 37.61
CA SER B 176 -7.58 -22.47 38.08
C SER B 176 -6.91 -23.85 38.12
N LEU B 177 -6.14 -24.15 37.07
CA LEU B 177 -5.40 -25.41 37.05
C LEU B 177 -4.45 -25.42 38.23
N ARG B 178 -3.82 -24.28 38.45
CA ARG B 178 -2.84 -24.14 39.53
C ARG B 178 -3.49 -24.46 40.87
N GLU B 179 -4.67 -23.87 41.08
CA GLU B 179 -5.43 -24.10 42.30
C GLU B 179 -5.77 -25.55 42.47
N GLN B 180 -6.20 -26.21 41.40
CA GLN B 180 -6.58 -27.62 41.56
C GLN B 180 -5.35 -28.46 41.92
N MET B 181 -4.22 -28.13 41.31
CA MET B 181 -2.98 -28.83 41.67
C MET B 181 -2.61 -28.62 43.15
N ASN B 182 -2.77 -27.39 43.64
CA ASN B 182 -2.46 -27.11 45.04
C ASN B 182 -3.33 -27.91 45.97
N SER B 183 -4.65 -27.80 45.78
CA SER B 183 -5.57 -28.56 46.62
C SER B 183 -5.27 -30.03 46.62
N MET B 184 -4.82 -30.57 45.49
CA MET B 184 -4.41 -31.97 45.51
C MET B 184 -3.24 -32.15 46.46
N LYS B 185 -2.30 -31.22 46.38
CA LYS B 185 -1.09 -31.27 47.20
C LYS B 185 -1.36 -31.12 48.71
N GLN B 186 -2.29 -30.25 49.05
CA GLN B 186 -2.72 -30.05 50.41
C GLN B 186 -3.37 -31.30 50.95
N LEU B 187 -4.26 -31.91 50.18
CA LEU B 187 -4.88 -33.14 50.65
C LEU B 187 -3.80 -34.17 50.92
N ALA B 188 -2.83 -34.24 50.01
CA ALA B 188 -1.72 -35.16 50.17
C ALA B 188 -0.98 -34.87 51.47
N ALA B 189 -0.70 -33.60 51.70
CA ALA B 189 0.00 -33.12 52.88
C ALA B 189 -0.75 -33.47 54.16
N ASP B 190 -2.07 -33.57 54.08
CA ASP B 190 -2.91 -34.02 55.21
C ASP B 190 -2.98 -35.54 55.42
N GLY B 191 -2.64 -36.33 54.42
CA GLY B 191 -2.64 -37.77 54.59
C GLY B 191 -3.71 -38.44 53.76
N TYR B 192 -4.31 -37.63 52.89
CA TYR B 192 -5.35 -38.07 51.99
C TYR B 192 -4.73 -37.98 50.63
N LEU B 193 -4.64 -39.07 49.88
CA LEU B 193 -4.18 -38.87 48.52
C LEU B 193 -5.30 -39.15 47.57
N PRO B 194 -5.53 -38.21 46.64
CA PRO B 194 -6.67 -38.30 45.73
C PRO B 194 -6.61 -39.48 44.76
N ARG B 195 -7.75 -40.14 44.54
CA ARG B 195 -7.86 -41.21 43.57
C ARG B 195 -7.56 -40.61 42.20
N ASN B 196 -7.76 -39.29 42.13
CA ASN B 196 -7.54 -38.50 40.93
C ASN B 196 -6.04 -38.48 40.60
N ARG B 197 -5.71 -38.46 39.31
CA ARG B 197 -4.32 -38.32 38.85
C ARG B 197 -3.89 -36.86 38.62
N TYR B 198 -3.03 -36.40 39.53
CA TYR B 198 -2.44 -35.05 39.52
C TYR B 198 -1.58 -34.82 38.29
N LEU B 199 -0.98 -35.88 37.78
CA LEU B 199 -0.14 -35.75 36.60
C LEU B 199 -0.95 -35.29 35.38
N GLU B 200 -2.24 -35.67 35.34
CA GLU B 200 -3.10 -35.26 34.23
C GLU B 200 -3.17 -33.73 34.23
N VAL B 201 -3.33 -33.19 35.45
CA VAL B 201 -3.43 -31.76 35.68
C VAL B 201 -2.09 -31.06 35.45
N GLN B 202 -1.00 -31.76 35.72
CA GLN B 202 0.31 -31.21 35.41
C GLN B 202 0.40 -31.04 33.90
N ARG B 203 -0.15 -32.01 33.17
CA ARG B 203 -0.19 -31.87 31.72
C ARG B 203 -1.07 -30.70 31.26
N GLN B 204 -2.28 -30.57 31.81
CA GLN B 204 -3.19 -29.51 31.33
C GLN B 204 -2.56 -28.17 31.62
N PHE B 205 -2.02 -28.04 32.82
CA PHE B 205 -1.40 -26.80 33.22
C PHE B 205 -0.27 -26.48 32.24
N ALA B 206 0.61 -27.45 32.01
CA ALA B 206 1.74 -27.22 31.09
C ALA B 206 1.26 -26.78 29.72
N GLU B 207 0.17 -27.40 29.24
CA GLU B 207 -0.35 -27.10 27.92
C GLU B 207 -0.87 -25.68 27.87
N VAL B 208 -1.64 -25.31 28.88
CA VAL B 208 -2.23 -23.99 28.87
C VAL B 208 -1.08 -23.02 28.85
N ASN B 209 -0.06 -23.34 29.63
CA ASN B 209 1.08 -22.46 29.67
C ASN B 209 1.68 -22.26 28.28
N SER B 210 1.94 -23.34 27.55
CA SER B 210 2.58 -23.20 26.24
C SER B 210 1.64 -22.55 25.22
N SER B 211 0.35 -22.79 25.37
CA SER B 211 -0.64 -22.11 24.58
C SER B 211 -0.49 -20.63 24.76
N ILE B 212 -0.34 -20.26 26.02
CA ILE B 212 -0.24 -18.87 26.39
C ILE B 212 0.99 -18.33 25.70
N ASP B 213 2.07 -19.12 25.69
CA ASP B 213 3.28 -18.61 25.06
C ASP B 213 3.06 -18.34 23.60
N GLU B 214 2.35 -19.24 22.93
CA GLU B 214 2.00 -19.04 21.53
C GLU B 214 1.26 -17.74 21.28
N THR B 215 0.21 -17.55 22.08
CA THR B 215 -0.55 -16.30 21.98
C THR B 215 0.41 -15.10 22.21
N VAL B 216 1.27 -15.19 23.20
CA VAL B 216 2.21 -14.11 23.43
C VAL B 216 3.16 -13.84 22.25
N GLY B 217 3.66 -14.91 21.63
CA GLY B 217 4.59 -14.81 20.51
C GLY B 217 3.91 -14.11 19.36
N ARG B 218 2.65 -14.47 19.18
CA ARG B 218 1.85 -13.93 18.10
C ARG B 218 1.72 -12.41 18.31
N ILE B 219 1.48 -12.04 19.56
CA ILE B 219 1.38 -10.64 19.99
C ILE B 219 2.65 -9.86 19.70
N GLY B 220 3.78 -10.43 20.09
CA GLY B 220 5.07 -9.79 19.89
C GLY B 220 5.25 -9.54 18.41
N GLN B 221 4.89 -10.55 17.62
CA GLN B 221 4.98 -10.42 16.19
C GLN B 221 4.16 -9.26 15.68
N LEU B 222 2.93 -9.15 16.17
CA LEU B 222 2.08 -8.08 15.67
C LEU B 222 2.69 -6.73 16.06
N GLN B 223 3.15 -6.58 17.31
CA GLN B 223 3.73 -5.30 17.75
C GLN B 223 4.94 -4.88 16.95
N LYS B 224 5.73 -5.88 16.58
CA LYS B 224 6.84 -5.65 15.70
C LYS B 224 6.25 -5.13 14.39
N GLN B 225 5.19 -5.76 13.89
CA GLN B 225 4.67 -5.33 12.61
C GLN B 225 4.18 -3.87 12.62
N LEU B 226 3.44 -3.45 13.65
CA LEU B 226 3.01 -2.06 13.66
C LEU B 226 4.24 -1.15 13.72
N LEU B 227 5.23 -1.51 14.54
CA LEU B 227 6.42 -0.66 14.57
C LEU B 227 7.05 -0.54 13.16
N GLU B 228 7.16 -1.66 12.46
CA GLU B 228 7.77 -1.71 11.13
C GLU B 228 6.96 -0.91 10.13
N SER B 229 5.66 -0.99 10.26
CA SER B 229 4.81 -0.27 9.35
C SER B 229 4.96 1.24 9.62
N GLN B 230 5.12 1.60 10.89
CA GLN B 230 5.33 3.00 11.23
C GLN B 230 6.62 3.51 10.60
N GLN B 231 7.67 2.71 10.70
CA GLN B 231 8.93 3.08 10.10
C GLN B 231 8.75 3.11 8.58
N ARG B 232 7.79 2.36 8.06
CA ARG B 232 7.48 2.38 6.63
C ARG B 232 6.87 3.72 6.21
N ILE B 233 5.96 4.23 7.03
CA ILE B 233 5.36 5.55 6.80
C ILE B 233 6.44 6.60 6.81
N ASP B 234 7.27 6.55 7.85
CA ASP B 234 8.30 7.55 8.02
C ASP B 234 9.21 7.46 6.80
N GLN B 235 9.52 6.24 6.40
CA GLN B 235 10.26 6.00 5.18
C GLN B 235 9.64 6.64 3.95
N ARG B 236 8.32 6.58 3.80
CA ARG B 236 7.78 7.04 2.54
C ARG B 236 7.63 8.56 2.52
N PHE B 237 7.36 9.17 3.66
CA PHE B 237 7.45 10.63 3.69
C PHE B 237 8.87 11.04 3.32
N ALA B 238 9.86 10.46 4.00
CA ALA B 238 11.24 10.83 3.72
C ALA B 238 11.61 10.65 2.24
N ASP B 239 11.18 9.56 1.65
CA ASP B 239 11.49 9.25 0.26
C ASP B 239 10.89 10.32 -0.63
N TYR B 240 9.65 10.70 -0.29
CA TYR B 240 8.95 11.74 -1.02
C TYR B 240 9.68 13.08 -0.94
N GLN B 241 10.15 13.39 0.26
CA GLN B 241 10.83 14.64 0.50
C GLN B 241 12.06 14.68 -0.37
N ARG B 242 12.82 13.59 -0.37
CA ARG B 242 14.09 13.58 -1.08
C ARG B 242 13.81 13.72 -2.57
N GLU B 243 12.80 12.99 -3.04
CA GLU B 243 12.46 12.99 -4.45
C GLU B 243 12.13 14.41 -4.91
N VAL B 244 11.21 15.03 -4.17
CA VAL B 244 10.75 16.36 -4.44
C VAL B 244 11.88 17.37 -4.39
N ARG B 245 12.79 17.24 -3.42
CA ARG B 245 13.92 18.18 -3.33
C ARG B 245 14.88 18.00 -4.51
N THR B 246 15.11 16.76 -4.91
CA THR B 246 15.97 16.51 -6.07
C THR B 246 15.38 17.13 -7.33
N GLN B 247 14.13 16.79 -7.62
CA GLN B 247 13.46 17.33 -8.80
C GLN B 247 13.49 18.84 -8.73
N LEU B 248 13.26 19.38 -7.53
CA LEU B 248 13.24 20.82 -7.37
C LEU B 248 14.56 21.48 -7.72
N ALA B 249 15.66 20.98 -7.17
CA ALA B 249 16.96 21.59 -7.45
C ALA B 249 17.24 21.54 -8.95
N GLN B 250 16.94 20.39 -9.54
CA GLN B 250 17.12 20.23 -10.98
C GLN B 250 16.32 21.29 -11.75
N THR B 251 15.06 21.43 -11.38
CA THR B 251 14.17 22.39 -11.99
C THR B 251 14.71 23.81 -11.83
N GLN B 252 15.30 24.09 -10.68
CA GLN B 252 15.81 25.42 -10.39
C GLN B 252 16.99 25.74 -11.28
N MET B 253 17.83 24.74 -11.49
CA MET B 253 18.97 24.88 -12.40
C MET B 253 18.44 25.21 -13.79
N ASP B 254 17.43 24.48 -14.23
CA ASP B 254 16.89 24.73 -15.56
C ASP B 254 16.30 26.13 -15.61
N ALA B 255 15.62 26.55 -14.54
CA ALA B 255 15.06 27.90 -14.48
C ALA B 255 16.15 28.90 -14.73
N SER B 256 17.30 28.68 -14.11
CA SER B 256 18.46 29.57 -14.24
C SER B 256 19.12 29.58 -15.65
N GLU B 257 19.30 28.40 -16.25
CA GLU B 257 19.95 28.34 -17.56
C GLU B 257 18.99 29.01 -18.55
N PHE B 258 17.68 28.81 -18.37
CA PHE B 258 16.72 29.50 -19.22
C PHE B 258 16.73 31.00 -18.99
N ARG B 259 16.80 31.41 -17.74
CA ARG B 259 16.81 32.82 -17.46
C ARG B 259 17.93 33.46 -18.23
N ASN B 260 19.15 32.93 -18.05
CA ASN B 260 20.33 33.55 -18.63
C ASN B 260 20.30 33.53 -20.15
N LYS B 261 19.90 32.39 -20.71
CA LYS B 261 19.82 32.26 -22.16
C LYS B 261 18.84 33.31 -22.68
N LEU B 262 17.76 33.51 -21.95
CA LEU B 262 16.74 34.51 -22.27
C LEU B 262 17.23 35.97 -22.20
N GLN B 263 18.04 36.30 -21.19
CA GLN B 263 18.65 37.63 -21.14
C GLN B 263 19.45 37.80 -22.42
N MET B 264 20.15 36.75 -22.84
CA MET B 264 20.94 36.87 -24.08
C MET B 264 20.07 37.07 -25.31
N ALA B 265 19.04 36.25 -25.48
CA ALA B 265 18.16 36.36 -26.63
C ALA B 265 17.52 37.75 -26.69
N ASP B 266 17.14 38.25 -25.53
CA ASP B 266 16.59 39.58 -25.43
C ASP B 266 17.61 40.59 -25.90
N PHE B 267 18.87 40.36 -25.52
CA PHE B 267 19.96 41.24 -25.90
C PHE B 267 20.08 41.31 -27.42
N ASP B 268 19.94 40.15 -28.04
CA ASP B 268 20.00 40.06 -29.47
C ASP B 268 18.87 40.85 -30.09
N LEU B 269 17.65 40.68 -29.57
CA LEU B 269 16.51 41.36 -30.16
C LEU B 269 16.62 42.86 -29.97
N GLY B 270 17.21 43.31 -28.87
CA GLY B 270 17.38 44.72 -28.61
C GLY B 270 18.10 45.36 -29.79
N ASN B 271 19.01 44.62 -30.39
CA ASN B 271 19.70 45.06 -31.61
C ASN B 271 18.86 44.73 -32.85
N THR B 272 18.34 45.76 -33.52
CA THR B 272 17.59 45.53 -34.76
C THR B 272 17.80 46.61 -35.81
N ILE B 274 20.53 48.05 -32.88
CA ILE B 274 19.67 48.90 -33.70
C ILE B 274 20.37 50.22 -34.05
N THR B 275 20.07 51.27 -33.27
CA THR B 275 20.62 52.60 -33.51
C THR B 275 21.29 53.20 -32.25
N SER B 276 22.36 53.97 -32.50
CA SER B 276 23.06 54.72 -31.45
C SER B 276 22.14 55.83 -30.93
N PRO B 277 22.15 56.99 -31.59
CA PRO B 277 20.98 57.74 -31.11
C PRO B 277 19.76 57.22 -31.91
N VAL B 278 18.56 57.47 -31.42
CA VAL B 278 17.36 57.00 -32.13
C VAL B 278 16.96 57.97 -33.23
N ASP B 279 16.77 59.24 -32.87
CA ASP B 279 16.53 60.32 -33.82
C ASP B 279 17.58 61.43 -33.75
N GLY B 280 18.59 61.34 -34.60
CA GLY B 280 19.62 62.36 -34.68
C GLY B 280 20.46 62.45 -33.43
#